data_3ZYQ
#
_entry.id   3ZYQ
#
_cell.length_a   38.256
_cell.length_b   34.346
_cell.length_c   170.533
_cell.angle_alpha   90.00
_cell.angle_beta   90.00
_cell.angle_gamma   90.00
#
_symmetry.space_group_name_H-M   'I 1 2 1'
#
loop_
_entity.id
_entity.type
_entity.pdbx_description
1 polymer 'HEPATOCYTE GROWTH FACTOR-REGULATED TYROSINE KINASE SUBSTRATE'
2 non-polymer 'ZINC ION'
3 non-polymer 'SULFATE ION'
4 non-polymer 1,2-ETHANEDIOL
5 water water
#
_entity_poly.entity_id   1
_entity_poly.type   'polypeptide(L)'
_entity_poly.pdbx_seq_one_letter_code
;SMGRGSGTFERLLDKATSQLLLETDWESILQICDLIRQGDTQAKYAVNSIKKKVNDKNPHVALYALEVMESVVKNCGQTV
HDEVANKQTMEELKDLLKRQVEVNVRNKILYLIQAWAHAFRNEPKYKVVQDTYQIMKVEGHVFPEFKESDAMFAAERAPD
WVDAEECHRCRVQFGVMTRKHHCRACGQIFCGKCSSKYSTIPKFGIEKEVRVCEPCYEQLNRKAEG
;
_entity_poly.pdbx_strand_id   A
#
loop_
_chem_comp.id
_chem_comp.type
_chem_comp.name
_chem_comp.formula
EDO non-polymer 1,2-ETHANEDIOL 'C2 H6 O2'
SO4 non-polymer 'SULFATE ION' 'O4 S -2'
ZN non-polymer 'ZINC ION' 'Zn 2'
#
# COMPACT_ATOMS: atom_id res chain seq x y z
N GLY A 7 -13.79 7.24 -16.74
CA GLY A 7 -14.28 8.24 -15.71
C GLY A 7 -14.79 7.68 -14.39
N THR A 8 -14.78 6.38 -14.23
CA THR A 8 -15.42 5.79 -13.05
C THR A 8 -14.66 6.10 -11.75
N PHE A 9 -13.33 5.98 -11.72
CA PHE A 9 -12.53 6.25 -10.51
C PHE A 9 -12.87 7.66 -10.01
N GLU A 10 -12.88 8.61 -10.95
CA GLU A 10 -13.07 9.99 -10.58
C GLU A 10 -14.49 10.24 -10.05
N ARG A 11 -15.48 9.66 -10.71
CA ARG A 11 -16.87 9.75 -10.25
C ARG A 11 -17.01 9.19 -8.84
N LEU A 12 -16.38 8.07 -8.59
CA LEU A 12 -16.48 7.41 -7.31
C LEU A 12 -15.78 8.22 -6.19
N LEU A 13 -14.63 8.80 -6.49
CA LEU A 13 -13.91 9.58 -5.51
C LEU A 13 -14.74 10.81 -5.10
N ASP A 14 -15.37 11.43 -6.09
CA ASP A 14 -16.31 12.53 -5.88
C ASP A 14 -17.47 12.10 -5.00
N LYS A 15 -18.03 10.93 -5.32
CA LYS A 15 -19.18 10.40 -4.57
C LYS A 15 -18.78 10.16 -3.11
N ALA A 16 -17.58 9.62 -2.91
CA ALA A 16 -17.14 9.20 -1.58
C ALA A 16 -16.73 10.34 -0.68
N THR A 17 -16.52 11.52 -1.28
CA THR A 17 -16.05 12.67 -0.54
C THR A 17 -17.06 13.82 -0.61
N SER A 18 -18.31 13.51 -0.98
CA SER A 18 -19.38 14.50 -1.11
C SER A 18 -19.75 15.07 0.25
N GLN A 19 -19.97 16.38 0.28
CA GLN A 19 -20.41 17.04 1.50
CA GLN A 19 -20.43 17.09 1.47
C GLN A 19 -21.84 16.65 1.89
N LEU A 20 -22.53 15.92 1.00
CA LEU A 20 -23.91 15.45 1.23
CA LEU A 20 -23.90 15.50 1.29
C LEU A 20 -23.95 14.24 2.15
N LEU A 21 -22.83 13.52 2.24
CA LEU A 21 -22.81 12.26 2.98
C LEU A 21 -23.04 12.42 4.49
N LEU A 22 -23.81 11.50 5.09
CA LEU A 22 -23.97 11.41 6.55
C LEU A 22 -23.09 10.37 7.19
N GLU A 23 -22.54 9.48 6.36
CA GLU A 23 -21.68 8.42 6.78
C GLU A 23 -20.82 8.02 5.59
N THR A 24 -19.76 7.30 5.92
CA THR A 24 -18.87 6.74 4.93
C THR A 24 -19.62 5.96 3.82
N ASP A 25 -19.26 6.25 2.56
CA ASP A 25 -19.82 5.55 1.40
C ASP A 25 -18.97 4.35 1.11
N TRP A 26 -19.22 3.28 1.86
CA TRP A 26 -18.42 2.06 1.71
C TRP A 26 -18.53 1.42 0.34
N GLU A 27 -19.69 1.52 -0.30
CA GLU A 27 -19.80 0.95 -1.64
C GLU A 27 -18.80 1.60 -2.60
N SER A 28 -18.74 2.91 -2.61
CA SER A 28 -17.84 3.59 -3.50
C SER A 28 -16.39 3.35 -3.10
N ILE A 29 -16.06 3.37 -1.81
CA ILE A 29 -14.69 3.16 -1.38
C ILE A 29 -14.22 1.78 -1.83
N LEU A 30 -15.04 0.74 -1.67
CA LEU A 30 -14.57 -0.62 -1.99
C LEU A 30 -14.47 -0.80 -3.49
N GLN A 31 -15.29 -0.09 -4.27
CA GLN A 31 -15.13 -0.13 -5.70
C GLN A 31 -13.81 0.54 -6.11
N ILE A 32 -13.46 1.65 -5.45
CA ILE A 32 -12.18 2.34 -5.73
C ILE A 32 -11.04 1.36 -5.40
N CYS A 33 -11.09 0.67 -4.25
CA CYS A 33 -10.06 -0.30 -3.90
C CYS A 33 -9.94 -1.41 -4.98
N ASP A 34 -11.06 -1.87 -5.49
CA ASP A 34 -11.08 -2.96 -6.43
C ASP A 34 -10.40 -2.50 -7.74
N LEU A 35 -10.71 -1.27 -8.15
CA LEU A 35 -10.14 -0.72 -9.39
C LEU A 35 -8.63 -0.66 -9.33
N ILE A 36 -8.11 -0.28 -8.16
CA ILE A 36 -6.66 -0.24 -7.98
C ILE A 36 -6.09 -1.65 -7.95
N ARG A 37 -6.67 -2.53 -7.17
CA ARG A 37 -6.19 -3.92 -7.08
CA ARG A 37 -6.24 -3.94 -7.08
C ARG A 37 -6.22 -4.63 -8.44
N GLN A 38 -7.23 -4.33 -9.25
CA GLN A 38 -7.36 -4.96 -10.57
C GLN A 38 -6.47 -4.32 -11.64
N GLY A 39 -5.85 -3.18 -11.33
CA GLY A 39 -5.01 -2.51 -12.28
C GLY A 39 -5.75 -1.60 -13.23
N ASP A 40 -7.02 -1.36 -12.97
CA ASP A 40 -7.85 -0.53 -13.83
C ASP A 40 -7.55 0.97 -13.69
N THR A 41 -7.06 1.33 -12.50
CA THR A 41 -6.68 2.67 -12.13
C THR A 41 -5.27 2.58 -11.52
N GLN A 42 -4.36 3.40 -12.02
CA GLN A 42 -2.97 3.39 -11.53
C GLN A 42 -2.91 3.96 -10.13
N ALA A 43 -2.14 3.31 -9.26
CA ALA A 43 -2.02 3.75 -7.87
C ALA A 43 -1.53 5.19 -7.72
N LYS A 44 -0.54 5.61 -8.51
CA LYS A 44 -0.01 6.95 -8.33
C LYS A 44 -1.08 8.01 -8.60
N TYR A 45 -1.72 7.88 -9.74
CA TYR A 45 -2.82 8.76 -10.08
C TYR A 45 -3.91 8.72 -9.03
N ALA A 46 -4.27 7.52 -8.58
CA ALA A 46 -5.34 7.36 -7.57
C ALA A 46 -4.99 8.08 -6.28
N VAL A 47 -3.80 7.82 -5.78
CA VAL A 47 -3.40 8.38 -4.51
C VAL A 47 -3.19 9.88 -4.62
N ASN A 48 -2.63 10.36 -5.74
CA ASN A 48 -2.59 11.79 -5.97
C ASN A 48 -3.97 12.43 -5.99
N SER A 49 -4.96 11.75 -6.58
CA SER A 49 -6.31 12.31 -6.63
C SER A 49 -6.92 12.37 -5.20
N ILE A 50 -6.67 11.34 -4.39
CA ILE A 50 -7.20 11.30 -3.01
C ILE A 50 -6.50 12.39 -2.17
N LYS A 51 -5.18 12.57 -2.38
CA LYS A 51 -4.45 13.55 -1.62
C LYS A 51 -4.98 14.97 -1.86
N LYS A 52 -5.42 15.24 -3.08
CA LYS A 52 -5.98 16.55 -3.42
C LYS A 52 -7.21 16.86 -2.54
N LYS A 53 -8.00 15.82 -2.27
CA LYS A 53 -9.22 15.89 -1.44
C LYS A 53 -8.86 15.99 0.05
N VAL A 54 -7.84 15.26 0.50
CA VAL A 54 -7.35 15.38 1.88
C VAL A 54 -6.96 16.81 2.27
N ASN A 55 -6.40 17.52 1.31
CA ASN A 55 -6.03 18.92 1.53
C ASN A 55 -7.17 19.93 1.33
N ASP A 56 -8.42 19.49 1.23
CA ASP A 56 -9.51 20.48 1.05
CA ASP A 56 -9.57 20.41 1.07
C ASP A 56 -9.76 21.27 2.33
N LYS A 57 -10.17 22.51 2.14
CA LYS A 57 -10.44 23.43 3.25
C LYS A 57 -11.69 23.02 4.05
N ASN A 58 -12.58 22.25 3.41
CA ASN A 58 -13.78 21.75 4.08
C ASN A 58 -13.39 20.50 4.86
N PRO A 59 -13.54 20.53 6.20
CA PRO A 59 -13.08 19.42 7.00
C PRO A 59 -13.87 18.14 6.81
N HIS A 60 -15.12 18.23 6.37
CA HIS A 60 -15.89 17.03 6.04
C HIS A 60 -15.27 16.31 4.84
N VAL A 61 -15.03 17.07 3.79
CA VAL A 61 -14.38 16.53 2.61
C VAL A 61 -13.00 15.94 2.99
N ALA A 62 -12.22 16.64 3.83
CA ALA A 62 -10.87 16.17 4.15
C ALA A 62 -10.94 14.86 4.94
N LEU A 63 -11.87 14.81 5.90
CA LEU A 63 -12.03 13.61 6.73
C LEU A 63 -12.49 12.43 5.87
N TYR A 64 -13.48 12.62 5.02
CA TYR A 64 -13.93 11.54 4.13
CA TYR A 64 -13.92 11.53 4.17
C TYR A 64 -12.82 11.06 3.20
N ALA A 65 -11.99 12.02 2.72
CA ALA A 65 -10.86 11.65 1.87
C ALA A 65 -9.85 10.81 2.62
N LEU A 66 -9.58 11.18 3.88
CA LEU A 66 -8.67 10.40 4.72
C LEU A 66 -9.17 8.97 4.95
N GLU A 67 -10.48 8.80 5.02
CA GLU A 67 -11.08 7.46 5.14
C GLU A 67 -10.88 6.67 3.83
N VAL A 68 -10.98 7.33 2.69
CA VAL A 68 -10.67 6.68 1.40
C VAL A 68 -9.19 6.23 1.41
N MET A 69 -8.32 7.15 1.89
CA MET A 69 -6.91 6.85 1.96
CA MET A 69 -6.91 6.83 1.95
C MET A 69 -6.66 5.65 2.86
N GLU A 70 -7.33 5.62 4.02
CA GLU A 70 -7.21 4.52 4.96
C GLU A 70 -7.52 3.17 4.28
N SER A 71 -8.62 3.16 3.53
CA SER A 71 -9.08 1.93 2.91
CA SER A 71 -9.09 1.92 2.91
C SER A 71 -8.17 1.47 1.78
N VAL A 72 -7.75 2.41 0.92
CA VAL A 72 -6.86 2.01 -0.21
C VAL A 72 -5.54 1.45 0.33
N VAL A 73 -5.01 2.05 1.40
CA VAL A 73 -3.78 1.52 2.03
C VAL A 73 -4.02 0.14 2.62
N LYS A 74 -5.11 -0.01 3.34
CA LYS A 74 -5.44 -1.31 3.95
C LYS A 74 -5.62 -2.44 2.95
N ASN A 75 -6.28 -2.13 1.83
CA ASN A 75 -6.75 -3.12 0.87
C ASN A 75 -5.93 -3.36 -0.40
N CYS A 76 -5.06 -2.42 -0.80
CA CYS A 76 -4.53 -2.38 -2.19
C CYS A 76 -3.08 -2.77 -2.39
N GLY A 77 -2.39 -3.06 -1.30
CA GLY A 77 -1.03 -3.57 -1.38
C GLY A 77 0.09 -2.58 -1.68
N GLN A 78 1.24 -3.13 -2.05
CA GLN A 78 2.47 -2.38 -2.19
C GLN A 78 2.41 -1.26 -3.20
N THR A 79 1.60 -1.42 -4.25
CA THR A 79 1.48 -0.38 -5.26
C THR A 79 0.96 0.94 -4.65
N VAL A 80 0.06 0.82 -3.67
CA VAL A 80 -0.42 1.99 -2.94
C VAL A 80 0.52 2.37 -1.80
N HIS A 81 1.08 1.39 -1.10
CA HIS A 81 1.96 1.68 0.02
C HIS A 81 3.14 2.51 -0.48
N ASP A 82 3.67 2.20 -1.66
CA ASP A 82 4.73 3.00 -2.25
C ASP A 82 4.40 4.48 -2.39
N GLU A 83 3.11 4.80 -2.55
CA GLU A 83 2.66 6.17 -2.76
C GLU A 83 2.40 6.92 -1.48
N VAL A 84 2.33 6.22 -0.35
CA VAL A 84 2.07 6.90 0.92
C VAL A 84 3.26 6.83 1.87
N ALA A 85 4.01 5.74 1.83
CA ALA A 85 5.07 5.51 2.79
C ALA A 85 6.38 6.04 2.23
N ASN A 86 6.37 7.36 2.03
CA ASN A 86 7.51 8.10 1.49
C ASN A 86 7.64 9.48 2.10
N LYS A 87 8.77 10.13 1.79
CA LYS A 87 9.12 11.35 2.46
C LYS A 87 8.19 12.49 2.07
N GLN A 88 7.86 12.60 0.79
CA GLN A 88 7.00 13.67 0.29
C GLN A 88 5.63 13.65 0.98
N THR A 89 5.05 12.46 1.10
CA THR A 89 3.73 12.30 1.76
C THR A 89 3.77 12.57 3.26
N MET A 90 4.80 12.06 3.92
CA MET A 90 4.95 12.33 5.35
CA MET A 90 5.00 12.33 5.34
C MET A 90 5.12 13.82 5.64
N GLU A 91 5.89 14.52 4.81
CA GLU A 91 6.03 15.97 4.98
C GLU A 91 4.69 16.67 4.79
N GLU A 92 3.93 16.25 3.79
CA GLU A 92 2.64 16.88 3.50
C GLU A 92 1.67 16.67 4.66
N LEU A 93 1.71 15.49 5.27
CA LEU A 93 0.86 15.19 6.43
C LEU A 93 1.31 15.90 7.70
N LYS A 94 2.62 16.03 7.88
CA LYS A 94 3.17 16.85 8.97
C LYS A 94 2.72 18.29 8.83
N ASP A 95 2.75 18.81 7.61
CA ASP A 95 2.35 20.19 7.34
C ASP A 95 0.86 20.34 7.56
N LEU A 96 0.09 19.35 7.12
CA LEU A 96 -1.36 19.41 7.21
C LEU A 96 -1.79 19.40 8.67
N LEU A 97 -1.15 18.52 9.42
CA LEU A 97 -1.45 18.35 10.81
C LEU A 97 -1.16 19.62 11.57
N LYS A 98 -0.09 20.32 11.18
CA LYS A 98 0.28 21.56 11.82
C LYS A 98 -0.70 22.71 11.55
N ARG A 99 -1.28 22.77 10.35
CA ARG A 99 -2.18 23.91 10.04
C ARG A 99 -3.68 23.60 10.22
N GLN A 100 -4.03 22.34 10.44
CA GLN A 100 -5.45 21.93 10.55
C GLN A 100 -6.04 22.39 11.88
N VAL A 101 -7.14 23.16 11.83
CA VAL A 101 -7.84 23.59 13.05
C VAL A 101 -9.02 22.69 13.43
N GLU A 102 -9.20 21.57 12.75
CA GLU A 102 -10.39 20.73 12.99
C GLU A 102 -10.00 19.39 13.57
N VAL A 103 -10.51 19.17 14.77
CA VAL A 103 -10.03 18.09 15.59
C VAL A 103 -10.23 16.70 14.97
N ASN A 104 -11.36 16.46 14.30
CA ASN A 104 -11.56 15.13 13.72
C ASN A 104 -10.61 14.79 12.59
N VAL A 105 -10.21 15.80 11.82
CA VAL A 105 -9.19 15.63 10.77
C VAL A 105 -7.83 15.37 11.42
N ARG A 106 -7.47 16.20 12.40
CA ARG A 106 -6.24 15.99 13.16
CA ARG A 106 -6.26 15.98 13.20
C ARG A 106 -6.15 14.55 13.71
N ASN A 107 -7.22 14.09 14.38
CA ASN A 107 -7.24 12.82 15.06
C ASN A 107 -7.04 11.71 14.03
N LYS A 108 -7.66 11.85 12.87
CA LYS A 108 -7.56 10.81 11.83
C LYS A 108 -6.13 10.71 11.31
N ILE A 109 -5.47 11.85 11.06
CA ILE A 109 -4.07 11.84 10.63
C ILE A 109 -3.21 11.10 11.66
N LEU A 110 -3.37 11.41 12.93
CA LEU A 110 -2.64 10.70 13.98
C LEU A 110 -2.92 9.19 14.00
N TYR A 111 -4.21 8.83 13.88
CA TYR A 111 -4.64 7.44 13.81
C TYR A 111 -3.93 6.70 12.70
N LEU A 112 -3.87 7.32 11.52
CA LEU A 112 -3.29 6.67 10.31
C LEU A 112 -1.78 6.53 10.42
N ILE A 113 -1.12 7.59 10.86
CA ILE A 113 0.35 7.53 11.01
C ILE A 113 0.73 6.41 11.95
N GLN A 114 0.02 6.31 13.06
CA GLN A 114 0.25 5.25 14.03
C GLN A 114 -0.03 3.86 13.43
N ALA A 115 -1.17 3.72 12.76
CA ALA A 115 -1.61 2.47 12.19
C ALA A 115 -0.61 1.98 11.12
N TRP A 116 -0.19 2.91 10.27
CA TRP A 116 0.74 2.57 9.18
C TRP A 116 2.14 2.24 9.71
N ALA A 117 2.56 2.97 10.75
CA ALA A 117 3.90 2.80 11.26
C ALA A 117 4.00 1.37 11.76
N HIS A 118 2.91 0.88 12.38
CA HIS A 118 2.88 -0.50 12.83
CA HIS A 118 2.85 -0.52 12.82
C HIS A 118 2.76 -1.47 11.62
N ALA A 119 1.84 -1.20 10.68
CA ALA A 119 1.71 -2.06 9.48
C ALA A 119 3.00 -2.26 8.67
N PHE A 120 3.83 -1.22 8.62
CA PHE A 120 5.03 -1.22 7.82
C PHE A 120 6.31 -1.59 8.58
N ARG A 121 6.16 -2.20 9.75
CA ARG A 121 7.27 -2.41 10.64
C ARG A 121 8.32 -3.38 10.12
N ASN A 122 7.92 -4.32 9.26
CA ASN A 122 8.86 -5.23 8.59
C ASN A 122 9.44 -4.73 7.24
N GLU A 123 9.06 -3.55 6.76
CA GLU A 123 9.50 -3.02 5.47
C GLU A 123 10.44 -1.80 5.58
N PRO A 124 11.75 -2.06 5.55
CA PRO A 124 12.71 -0.97 5.64
C PRO A 124 12.50 0.16 4.65
N LYS A 125 12.03 -0.14 3.42
CA LYS A 125 11.83 0.93 2.43
C LYS A 125 10.76 1.91 2.88
N TYR A 126 9.94 1.48 3.84
CA TYR A 126 8.85 2.33 4.36
C TYR A 126 9.12 3.00 5.72
N LYS A 127 10.38 2.97 6.18
CA LYS A 127 10.74 3.39 7.54
C LYS A 127 10.34 4.82 7.86
N VAL A 128 10.26 5.68 6.85
CA VAL A 128 9.94 7.09 7.05
C VAL A 128 8.60 7.28 7.80
N VAL A 129 7.68 6.33 7.68
CA VAL A 129 6.41 6.42 8.43
C VAL A 129 6.64 6.26 9.94
N GLN A 130 7.30 5.18 10.35
CA GLN A 130 7.72 5.01 11.74
C GLN A 130 8.57 6.20 12.22
N ASP A 131 9.50 6.69 11.39
CA ASP A 131 10.28 7.90 11.74
C ASP A 131 9.38 9.12 12.03
N THR A 132 8.32 9.30 11.23
CA THR A 132 7.37 10.39 11.38
C THR A 132 6.50 10.27 12.63
N TYR A 133 6.02 9.05 12.90
CA TYR A 133 5.34 8.70 14.14
C TYR A 133 6.15 9.14 15.38
N GLN A 134 7.41 8.73 15.43
CA GLN A 134 8.29 9.08 16.53
C GLN A 134 8.47 10.57 16.68
N ILE A 135 8.67 11.29 15.57
CA ILE A 135 8.78 12.78 15.56
C ILE A 135 7.56 13.42 16.15
N MET A 136 6.40 12.93 15.72
CA MET A 136 5.15 13.52 16.15
C MET A 136 4.94 13.37 17.66
N LYS A 137 5.29 12.21 18.18
CA LYS A 137 5.20 11.96 19.61
C LYS A 137 6.13 12.92 20.34
N VAL A 138 7.35 13.11 19.84
CA VAL A 138 8.29 14.07 20.50
C VAL A 138 7.73 15.49 20.51
N GLU A 139 7.00 15.86 19.44
CA GLU A 139 6.40 17.19 19.36
C GLU A 139 5.23 17.37 20.34
N GLY A 140 4.75 16.28 20.95
CA GLY A 140 3.66 16.34 21.94
C GLY A 140 2.32 15.74 21.54
N HIS A 141 2.19 15.20 20.33
CA HIS A 141 0.88 14.73 19.90
C HIS A 141 0.44 13.56 20.74
N VAL A 142 -0.82 13.58 21.18
CA VAL A 142 -1.42 12.48 21.92
C VAL A 142 -2.20 11.63 20.92
N PHE A 143 -1.71 10.42 20.69
CA PHE A 143 -2.34 9.52 19.71
C PHE A 143 -3.52 8.78 20.31
N PRO A 144 -4.44 8.30 19.46
CA PRO A 144 -5.46 7.44 20.00
C PRO A 144 -4.86 6.09 20.41
N GLU A 145 -5.54 5.36 21.31
CA GLU A 145 -5.11 4.04 21.71
C GLU A 145 -5.06 3.12 20.49
N PHE A 146 -3.96 2.38 20.36
CA PHE A 146 -3.76 1.55 19.19
C PHE A 146 -4.54 0.25 19.27
N LYS A 147 -5.16 -0.14 18.16
CA LYS A 147 -5.79 -1.45 18.06
C LYS A 147 -5.07 -2.23 16.97
N GLU A 148 -4.62 -3.44 17.28
CA GLU A 148 -3.95 -4.34 16.33
C GLU A 148 -4.69 -4.41 15.01
N SER A 149 -6.00 -4.49 15.13
CA SER A 149 -6.94 -4.45 14.01
C SER A 149 -6.66 -3.33 12.98
N ASP A 150 -6.09 -2.21 13.41
CA ASP A 150 -5.87 -1.00 12.57
C ASP A 150 -4.79 -1.26 11.53
N ALA A 151 -3.90 -2.19 11.85
CA ALA A 151 -2.66 -2.36 11.12
C ALA A 151 -2.60 -3.71 10.40
N MET A 152 -3.75 -4.38 10.36
CA MET A 152 -3.92 -5.67 9.72
C MET A 152 -4.43 -5.48 8.29
N PHE A 153 -3.53 -5.67 7.34
CA PHE A 153 -3.79 -5.31 5.95
C PHE A 153 -4.15 -6.53 5.19
N ALA A 154 -4.84 -6.35 4.08
CA ALA A 154 -5.17 -7.50 3.22
C ALA A 154 -3.90 -8.05 2.53
N ALA A 155 -3.65 -9.38 2.60
CA ALA A 155 -2.58 -10.00 1.77
C ALA A 155 -2.90 -9.76 0.32
N GLU A 156 -1.85 -9.58 -0.46
CA GLU A 156 -1.99 -9.43 -1.87
C GLU A 156 -2.00 -10.82 -2.52
N ARG A 157 -2.54 -10.81 -3.73
CA ARG A 157 -2.63 -11.94 -4.63
C ARG A 157 -1.27 -12.18 -5.27
N ALA A 158 -0.72 -13.36 -5.10
CA ALA A 158 0.52 -13.72 -5.80
C ALA A 158 0.31 -13.70 -7.31
N PRO A 159 1.33 -13.37 -8.08
CA PRO A 159 1.11 -13.24 -9.52
C PRO A 159 0.88 -14.54 -10.23
N ASP A 160 0.14 -14.47 -11.33
CA ASP A 160 0.05 -15.64 -12.18
C ASP A 160 1.42 -15.98 -12.78
N TRP A 161 1.67 -17.27 -13.01
CA TRP A 161 2.93 -17.74 -13.59
C TRP A 161 2.91 -17.63 -15.14
N VAL A 162 4.05 -17.24 -15.69
CA VAL A 162 4.29 -17.09 -17.15
C VAL A 162 4.90 -18.40 -17.67
N ASP A 163 4.49 -18.81 -18.88
CA ASP A 163 5.22 -19.82 -19.60
C ASP A 163 6.04 -19.16 -20.70
N ALA A 164 7.16 -19.77 -21.03
CA ALA A 164 8.00 -19.35 -22.14
C ALA A 164 8.92 -20.49 -22.51
N GLU A 165 9.67 -20.30 -23.60
CA GLU A 165 10.58 -21.29 -24.13
C GLU A 165 11.99 -21.22 -23.55
N GLU A 166 12.27 -20.20 -22.76
CA GLU A 166 13.64 -19.95 -22.32
C GLU A 166 13.57 -19.21 -21.00
N CYS A 167 14.65 -19.31 -20.24
CA CYS A 167 14.78 -18.63 -18.95
C CYS A 167 14.73 -17.15 -19.09
N HIS A 168 13.90 -16.52 -18.25
CA HIS A 168 13.74 -15.10 -18.28
C HIS A 168 15.04 -14.31 -18.06
N ARG A 169 15.97 -14.86 -17.27
CA ARG A 169 17.22 -14.19 -16.99
C ARG A 169 18.28 -14.55 -18.04
N CYS A 170 18.68 -15.81 -18.14
CA CYS A 170 19.84 -16.14 -18.91
C CYS A 170 19.53 -16.59 -20.35
N ARG A 171 18.26 -16.79 -20.64
CA ARG A 171 17.76 -17.19 -21.94
C ARG A 171 18.16 -18.59 -22.41
N VAL A 172 18.58 -19.44 -21.47
CA VAL A 172 18.84 -20.84 -21.84
C VAL A 172 17.49 -21.43 -22.29
N GLN A 173 17.52 -22.28 -23.31
CA GLN A 173 16.32 -22.96 -23.79
C GLN A 173 15.92 -24.08 -22.87
N PHE A 174 14.66 -24.11 -22.46
CA PHE A 174 14.19 -25.26 -21.69
C PHE A 174 14.20 -26.55 -22.54
N GLY A 175 14.38 -27.67 -21.84
CA GLY A 175 14.35 -28.98 -22.50
C GLY A 175 14.37 -30.10 -21.48
N VAL A 176 14.45 -31.33 -21.95
CA VAL A 176 14.67 -32.48 -21.07
C VAL A 176 15.70 -32.25 -19.90
N MET A 177 16.92 -31.72 -20.13
CA MET A 177 17.95 -31.52 -19.08
CA MET A 177 17.92 -31.52 -19.05
C MET A 177 17.93 -30.10 -18.42
N THR A 178 16.98 -29.27 -18.83
CA THR A 178 16.87 -27.90 -18.34
C THR A 178 15.41 -27.65 -18.05
N ARG A 179 14.99 -27.99 -16.84
CA ARG A 179 13.60 -27.91 -16.45
C ARG A 179 13.17 -26.45 -16.23
N LYS A 180 11.88 -26.26 -16.35
CA LYS A 180 11.20 -25.01 -16.05
C LYS A 180 10.94 -24.90 -14.54
N HIS A 181 11.26 -23.74 -13.99
CA HIS A 181 10.87 -23.36 -12.63
C HIS A 181 10.23 -22.00 -12.63
N HIS A 182 9.54 -21.64 -11.53
CA HIS A 182 8.95 -20.31 -11.38
C HIS A 182 9.33 -19.60 -10.10
N CYS A 183 9.44 -18.30 -10.20
CA CYS A 183 9.59 -17.39 -9.02
C CYS A 183 8.23 -17.17 -8.45
N ARG A 184 8.03 -17.46 -7.14
CA ARG A 184 6.74 -17.22 -6.55
C ARG A 184 6.42 -15.74 -6.36
N ALA A 185 7.43 -14.90 -6.33
CA ALA A 185 7.24 -13.48 -6.02
C ALA A 185 6.83 -12.66 -7.25
N CYS A 186 7.41 -12.99 -8.41
CA CYS A 186 7.08 -12.27 -9.64
C CYS A 186 6.38 -13.13 -10.71
N GLY A 187 6.39 -14.46 -10.56
CA GLY A 187 5.74 -15.36 -11.51
C GLY A 187 6.48 -15.64 -12.81
N GLN A 188 7.64 -15.03 -12.98
CA GLN A 188 8.42 -15.32 -14.21
C GLN A 188 9.04 -16.70 -14.13
N ILE A 189 9.45 -17.18 -15.30
CA ILE A 189 9.98 -18.50 -15.54
C ILE A 189 11.50 -18.52 -15.70
N PHE A 190 12.15 -19.48 -15.05
CA PHE A 190 13.59 -19.51 -14.89
C PHE A 190 14.09 -20.93 -14.93
N CYS A 191 15.33 -21.07 -15.36
CA CYS A 191 16.09 -22.26 -15.07
C CYS A 191 16.46 -22.33 -13.60
N GLY A 192 16.94 -23.50 -13.18
CA GLY A 192 17.30 -23.70 -11.81
C GLY A 192 18.42 -22.82 -11.35
N LYS A 193 19.40 -22.57 -12.25
CA LYS A 193 20.53 -21.73 -11.87
C LYS A 193 20.11 -20.31 -11.52
N CYS A 194 19.08 -19.81 -12.22
CA CYS A 194 18.59 -18.44 -12.04
C CYS A 194 17.49 -18.31 -10.99
N SER A 195 17.06 -19.42 -10.42
CA SER A 195 16.04 -19.41 -9.37
C SER A 195 16.41 -20.31 -8.18
N SER A 196 17.64 -20.17 -7.69
CA SER A 196 18.16 -21.01 -6.62
C SER A 196 18.07 -20.37 -5.20
N LYS A 197 17.23 -19.38 -5.05
CA LYS A 197 17.03 -18.64 -3.80
C LYS A 197 15.63 -18.98 -3.26
N TYR A 198 15.50 -18.90 -1.94
CA TYR A 198 14.27 -19.31 -1.24
C TYR A 198 13.97 -18.26 -0.22
N SER A 199 12.71 -17.87 -0.18
CA SER A 199 12.30 -16.79 0.72
C SER A 199 10.85 -16.95 1.09
N THR A 200 10.48 -16.44 2.26
CA THR A 200 9.08 -16.21 2.57
C THR A 200 8.61 -15.03 1.78
N ILE A 201 7.29 -14.91 1.61
CA ILE A 201 6.76 -13.72 0.94
C ILE A 201 5.52 -13.29 1.74
N PRO A 202 5.77 -12.59 2.87
CA PRO A 202 4.73 -12.19 3.79
C PRO A 202 3.56 -11.48 3.15
N LYS A 203 3.85 -10.60 2.20
CA LYS A 203 2.78 -9.81 1.59
C LYS A 203 1.77 -10.65 0.83
N PHE A 204 2.16 -11.87 0.40
CA PHE A 204 1.23 -12.80 -0.26
C PHE A 204 0.71 -13.88 0.68
N GLY A 205 1.00 -13.73 1.97
CA GLY A 205 0.63 -14.76 2.93
C GLY A 205 1.39 -16.07 2.79
N ILE A 206 2.58 -16.01 2.20
CA ILE A 206 3.45 -17.16 2.05
C ILE A 206 4.46 -17.09 3.20
N GLU A 207 4.25 -17.98 4.17
CA GLU A 207 5.13 -17.98 5.37
CA GLU A 207 5.02 -18.05 5.41
C GLU A 207 6.08 -19.16 5.39
N LYS A 208 6.14 -19.94 4.31
CA LYS A 208 7.20 -20.95 4.09
C LYS A 208 8.18 -20.36 3.09
N GLU A 209 9.43 -20.85 3.10
CA GLU A 209 10.42 -20.43 2.16
C GLU A 209 10.18 -21.12 0.84
N VAL A 210 9.90 -20.30 -0.19
CA VAL A 210 9.60 -20.77 -1.51
C VAL A 210 10.57 -20.19 -2.56
N ARG A 211 10.61 -20.85 -3.70
CA ARG A 211 11.58 -20.51 -4.74
C ARG A 211 11.32 -19.12 -5.29
N VAL A 212 12.38 -18.32 -5.37
CA VAL A 212 12.36 -17.02 -5.96
C VAL A 212 13.63 -16.79 -6.83
N CYS A 213 13.48 -15.84 -7.77
CA CYS A 213 14.62 -15.34 -8.52
C CYS A 213 15.50 -14.42 -7.66
N GLU A 214 16.71 -14.14 -8.14
CA GLU A 214 17.66 -13.40 -7.31
CA GLU A 214 17.66 -13.39 -7.33
C GLU A 214 17.22 -11.95 -7.03
N PRO A 215 16.74 -11.20 -8.07
CA PRO A 215 16.23 -9.86 -7.72
C PRO A 215 15.08 -9.85 -6.71
N CYS A 216 14.15 -10.79 -6.83
CA CYS A 216 13.06 -10.88 -5.82
C CYS A 216 13.61 -11.22 -4.43
N TYR A 217 14.54 -12.16 -4.37
CA TYR A 217 15.16 -12.52 -3.13
C TYR A 217 15.75 -11.28 -2.44
N GLU A 218 16.49 -10.45 -3.19
CA GLU A 218 17.14 -9.30 -2.56
C GLU A 218 16.12 -8.27 -2.13
N GLN A 219 15.05 -8.07 -2.92
CA GLN A 219 14.00 -7.12 -2.54
C GLN A 219 13.30 -7.55 -1.25
N LEU A 220 13.18 -8.87 -1.10
CA LEU A 220 12.49 -9.45 0.03
C LEU A 220 13.33 -9.57 1.28
N ASN A 221 14.65 -9.53 1.16
CA ASN A 221 15.46 -9.85 2.31
C ASN A 221 16.41 -8.77 2.78
N ARG A 222 16.03 -7.53 2.43
CA ARG A 222 16.60 -6.31 2.98
CA ARG A 222 16.64 -6.33 3.00
C ARG A 222 16.50 -6.38 4.50
ZN ZN B . 18.66 -19.11 -16.31
ZN ZN C . 11.04 -13.03 -9.11
S SO4 D . 9.10 -25.41 -9.34
O1 SO4 D . 8.14 -25.79 -10.34
O2 SO4 D . 10.16 -26.23 -9.70
O3 SO4 D . 9.39 -24.07 -9.76
O4 SO4 D . 8.54 -25.64 -8.06
C1 EDO E . -21.87 12.07 -8.05
C1 EDO E . -21.84 11.01 -8.71
O1 EDO E . -22.50 11.09 -7.16
O1 EDO E . -22.02 9.61 -9.01
C2 EDO E . -20.54 11.54 -8.60
C2 EDO E . -20.37 11.37 -8.66
O2 EDO E . -19.46 12.52 -8.65
O2 EDO E . -20.11 12.37 -7.65
C1 EDO F . 17.50 -28.61 -14.03
C1 EDO F . 17.27 -28.51 -14.22
O1 EDO F . 16.91 -29.06 -15.25
O1 EDO F . 16.74 -29.51 -15.08
C2 EDO F . 16.49 -28.62 -12.89
C2 EDO F . 16.67 -28.59 -12.81
O2 EDO F . 16.98 -27.77 -11.87
O2 EDO F . 17.36 -29.63 -12.14
#